data_4WHG
#
_entry.id   4WHG
#
_cell.length_a   74.551
_cell.length_b   76.807
_cell.length_c   128.944
_cell.angle_alpha   90.000
_cell.angle_beta   90.000
_cell.angle_gamma   90.000
#
_symmetry.space_group_name_H-M   'P 21 21 21'
#
loop_
_entity.id
_entity.type
_entity.pdbx_description
1 polymer 'Nuclear receptor subfamily 4 group A member 1'
2 non-polymer GLYCEROL
3 non-polymer 1-(3,4,5-trihydroxyphenyl)octan-1-one
4 water water
#
_entity_poly.entity_id   1
_entity_poly.type   'polypeptide(L)'
_entity_poly.pdbx_seq_one_letter_code
;MSKPKQPPDASPANLLTSLVRAHLDSGPSTAKLDYSKFQELVLPHFGKEDAGDVQQFYDLLSGSLEVIRKWAEKIPGFAE
LSPADQDLLLESAFLELFILRLAYRSKPGEGKLIFCSGLVLHRLQCARGFGDWIDSILAFSRSLHSLLVDVPAFACLSAL
VLITDRHGLQEPRRVEELQNRIASCLKEHVAAVAGEPQPASCLSRLLGKLPELRTLCTQGLQRIFYLKLEDLVPPPPIID
KIFMDTLPFLEHHHHHH
;
_entity_poly.pdbx_strand_id   B,A
#
loop_
_chem_comp.id
_chem_comp.type
_chem_comp.name
_chem_comp.formula
3NB non-polymer 1-(3,4,5-trihydroxyphenyl)octan-1-one 'C14 H20 O4'
GOL non-polymer GLYCEROL 'C3 H8 O3'
#
# COMPACT_ATOMS: atom_id res chain seq x y z
N PRO A 12 -30.49 -29.70 4.53
CA PRO A 12 -29.61 -28.80 5.30
C PRO A 12 -28.81 -29.31 6.54
N ALA A 13 -28.57 -30.61 6.76
CA ALA A 13 -29.21 -31.73 6.07
C ALA A 13 -28.49 -32.02 4.76
N ASN A 14 -29.30 -32.03 3.70
CA ASN A 14 -28.72 -32.09 2.38
C ASN A 14 -27.89 -30.86 1.96
N LEU A 15 -28.23 -29.66 2.41
CA LEU A 15 -27.42 -28.45 2.16
C LEU A 15 -26.00 -28.65 2.75
N LEU A 16 -25.93 -29.00 4.02
CA LEU A 16 -24.66 -29.27 4.68
C LEU A 16 -23.83 -30.27 3.87
N THR A 17 -24.44 -31.37 3.45
CA THR A 17 -23.70 -32.39 2.70
C THR A 17 -23.20 -31.89 1.36
N SER A 18 -24.01 -31.11 0.66
CA SER A 18 -23.56 -30.56 -0.60
C SER A 18 -22.37 -29.60 -0.37
N LEU A 19 -22.44 -28.83 0.70
CA LEU A 19 -21.37 -27.83 0.97
C LEU A 19 -20.07 -28.56 1.26
N VAL A 20 -20.13 -29.69 2.00
CA VAL A 20 -18.93 -30.43 2.43
C VAL A 20 -18.33 -31.05 1.20
N ARG A 21 -19.17 -31.64 0.39
CA ARG A 21 -18.71 -32.23 -0.88
C ARG A 21 -18.09 -31.20 -1.80
N ALA A 22 -18.69 -30.02 -1.91
CA ALA A 22 -18.07 -29.05 -2.81
C ALA A 22 -16.68 -28.67 -2.24
N HIS A 23 -16.62 -28.46 -0.94
CA HIS A 23 -15.41 -28.09 -0.31
C HIS A 23 -14.34 -29.22 -0.53
N LEU A 24 -14.67 -30.45 -0.22
CA LEU A 24 -13.62 -31.52 -0.35
C LEU A 24 -13.20 -31.78 -1.79
N ASP A 25 -14.09 -31.57 -2.77
CA ASP A 25 -13.65 -31.73 -4.20
C ASP A 25 -12.85 -30.59 -4.77
N SER A 26 -12.73 -29.47 -4.04
CA SER A 26 -12.02 -28.29 -4.58
C SER A 26 -10.58 -28.22 -4.10
N GLY A 27 -10.05 -29.26 -3.49
CA GLY A 27 -8.67 -29.18 -2.95
C GLY A 27 -7.98 -30.52 -3.05
N PRO A 28 -6.64 -30.56 -2.74
CA PRO A 28 -5.87 -31.80 -2.93
C PRO A 28 -6.17 -32.80 -1.85
N SER A 29 -6.22 -34.05 -2.26
CA SER A 29 -6.06 -35.17 -1.32
C SER A 29 -4.68 -35.05 -0.69
N THR A 30 -4.58 -35.45 0.57
CA THR A 30 -3.31 -35.72 1.21
C THR A 30 -2.39 -36.62 0.35
N ALA A 31 -2.95 -37.56 -0.40
CA ALA A 31 -2.11 -38.36 -1.30
C ALA A 31 -1.56 -37.54 -2.50
N LYS A 32 -2.26 -36.49 -2.90
CA LYS A 32 -1.88 -35.66 -4.06
C LYS A 32 -0.89 -34.47 -3.76
N LEU A 33 -0.49 -34.35 -2.51
CA LEU A 33 0.39 -33.29 -2.10
C LEU A 33 1.70 -33.47 -2.84
N ASP A 34 2.20 -32.36 -3.38
CA ASP A 34 3.45 -32.30 -4.13
C ASP A 34 4.57 -31.54 -3.41
N TYR A 35 5.54 -32.29 -2.92
CA TYR A 35 6.67 -31.73 -2.13
C TYR A 35 7.89 -31.53 -2.96
N SER A 36 7.81 -31.78 -4.24
CA SER A 36 9.03 -31.71 -5.11
C SER A 36 9.72 -30.34 -5.19
N LYS A 37 9.08 -29.25 -4.80
CA LYS A 37 9.72 -27.96 -4.84
C LYS A 37 9.96 -27.42 -3.48
N PHE A 38 9.52 -28.13 -2.46
CA PHE A 38 9.61 -27.61 -1.09
C PHE A 38 11.07 -27.57 -0.59
N GLN A 39 11.52 -26.42 -0.11
CA GLN A 39 12.84 -26.22 0.52
C GLN A 39 12.68 -25.25 1.69
N GLU A 40 13.00 -25.72 2.88
CA GLU A 40 12.95 -24.82 4.04
C GLU A 40 14.16 -23.92 4.11
N LEU A 41 15.18 -24.17 3.29
CA LEU A 41 16.43 -23.45 3.37
C LEU A 41 16.58 -22.78 2.04
N VAL A 42 16.70 -21.48 2.08
CA VAL A 42 16.63 -20.65 0.88
C VAL A 42 17.99 -19.93 0.85
N LEU A 43 18.72 -20.05 -0.26
CA LEU A 43 20.16 -19.74 -0.30
C LEU A 43 20.54 -18.58 -1.25
N PRO A 44 21.00 -17.43 -0.68
CA PRO A 44 21.11 -17.16 0.74
C PRO A 44 20.04 -16.19 1.25
N LYS A 48 15.62 -7.36 -2.68
CA LYS A 48 14.22 -7.12 -3.04
C LYS A 48 13.73 -8.18 -4.03
N GLU A 49 12.43 -8.35 -4.18
CA GLU A 49 11.90 -9.42 -5.04
C GLU A 49 12.42 -9.32 -6.46
N ASP A 50 12.52 -10.48 -7.13
CA ASP A 50 12.89 -10.52 -8.55
C ASP A 50 11.76 -11.17 -9.37
N ALA A 51 11.97 -11.31 -10.69
CA ALA A 51 10.87 -11.64 -11.60
C ALA A 51 10.25 -13.01 -11.34
N GLY A 52 11.08 -13.98 -10.96
CA GLY A 52 10.60 -15.32 -10.72
C GLY A 52 9.75 -15.41 -9.45
N ASP A 53 10.11 -14.66 -8.43
CA ASP A 53 9.22 -14.51 -7.25
C ASP A 53 7.85 -13.89 -7.61
N VAL A 54 7.84 -12.82 -8.40
CA VAL A 54 6.62 -12.15 -8.72
C VAL A 54 5.72 -13.03 -9.60
N GLN A 55 6.33 -13.75 -10.52
CA GLN A 55 5.59 -14.58 -11.44
C GLN A 55 4.96 -15.79 -10.71
N GLN A 56 5.67 -16.36 -9.76
CA GLN A 56 5.12 -17.42 -8.94
C GLN A 56 3.93 -16.89 -8.06
N PHE A 57 4.05 -15.70 -7.50
CA PHE A 57 2.96 -15.10 -6.77
C PHE A 57 1.68 -15.03 -7.62
N TYR A 58 1.81 -14.45 -8.80
CA TYR A 58 0.69 -14.38 -9.70
C TYR A 58 0.18 -15.74 -10.13
N ASP A 59 1.07 -16.72 -10.35
CA ASP A 59 0.63 -18.05 -10.78
C ASP A 59 -0.14 -18.80 -9.65
N LEU A 60 0.30 -18.65 -8.41
CA LEU A 60 -0.45 -19.25 -7.31
C LEU A 60 -1.84 -18.65 -7.20
N LEU A 61 -1.93 -17.32 -7.29
CA LEU A 61 -3.22 -16.61 -7.30
C LEU A 61 -4.11 -17.12 -8.42
N SER A 62 -3.57 -17.12 -9.64
CA SER A 62 -4.34 -17.60 -10.79
C SER A 62 -4.87 -19.01 -10.67
N GLY A 63 -4.03 -19.90 -10.18
CA GLY A 63 -4.48 -21.28 -10.00
C GLY A 63 -5.71 -21.47 -9.13
N SER A 64 -5.92 -20.60 -8.16
CA SER A 64 -7.11 -20.73 -7.29
C SER A 64 -8.40 -20.29 -7.94
N LEU A 65 -8.29 -19.50 -8.99
CA LEU A 65 -9.40 -18.80 -9.63
C LEU A 65 -10.41 -19.73 -10.25
N GLU A 66 -9.89 -20.69 -10.98
CA GLU A 66 -10.67 -21.66 -11.66
C GLU A 66 -11.20 -22.70 -10.66
N VAL A 67 -10.43 -23.00 -9.64
CA VAL A 67 -10.90 -23.88 -8.62
C VAL A 67 -12.08 -23.29 -7.79
N ILE A 68 -12.01 -22.02 -7.48
CA ILE A 68 -12.99 -21.35 -6.67
C ILE A 68 -14.26 -21.19 -7.46
N ARG A 69 -14.13 -20.89 -8.73
CA ARG A 69 -15.29 -20.79 -9.61
C ARG A 69 -16.04 -22.15 -9.71
N LYS A 70 -15.28 -23.25 -9.82
CA LYS A 70 -15.96 -24.57 -9.84
C LYS A 70 -16.58 -24.91 -8.53
N TRP A 71 -15.87 -24.56 -7.43
CA TRP A 71 -16.45 -24.78 -6.11
C TRP A 71 -17.78 -24.03 -5.95
N ALA A 72 -17.80 -22.79 -6.39
CA ALA A 72 -19.00 -21.92 -6.17
C ALA A 72 -20.23 -22.53 -6.90
N GLU A 73 -20.01 -23.03 -8.11
CA GLU A 73 -21.07 -23.64 -8.95
C GLU A 73 -21.73 -24.82 -8.26
N LYS A 74 -21.05 -25.45 -7.30
CA LYS A 74 -21.54 -26.57 -6.53
C LYS A 74 -22.23 -26.19 -5.25
N ILE A 75 -22.31 -24.89 -4.92
CA ILE A 75 -23.05 -24.46 -3.77
C ILE A 75 -24.52 -24.35 -4.21
N PRO A 76 -25.43 -25.08 -3.54
CA PRO A 76 -26.80 -25.06 -4.02
C PRO A 76 -27.37 -23.67 -3.95
N GLY A 77 -27.92 -23.23 -5.05
CA GLY A 77 -28.58 -21.93 -5.12
C GLY A 77 -27.68 -20.91 -5.75
N PHE A 78 -26.36 -21.14 -5.78
CA PHE A 78 -25.50 -20.15 -6.40
C PHE A 78 -25.72 -20.01 -7.89
N ALA A 79 -25.86 -21.12 -8.59
CA ALA A 79 -26.10 -21.03 -10.03
C ALA A 79 -27.52 -20.45 -10.35
N GLU A 80 -28.34 -20.26 -9.33
CA GLU A 80 -29.69 -19.63 -9.49
C GLU A 80 -29.78 -18.18 -9.22
N LEU A 81 -28.63 -17.58 -8.83
CA LEU A 81 -28.45 -16.15 -8.84
C LEU A 81 -28.24 -15.67 -10.27
N SER A 82 -28.58 -14.42 -10.56
CA SER A 82 -28.28 -13.88 -11.84
C SER A 82 -26.81 -14.07 -12.19
N PRO A 83 -26.50 -14.26 -13.49
CA PRO A 83 -25.10 -14.37 -13.88
C PRO A 83 -24.33 -13.10 -13.52
N ALA A 84 -24.93 -11.92 -13.58
CA ALA A 84 -24.16 -10.73 -13.16
C ALA A 84 -23.85 -10.73 -11.65
N ASP A 85 -24.79 -11.28 -10.87
CA ASP A 85 -24.57 -11.35 -9.44
C ASP A 85 -23.50 -12.44 -9.10
N GLN A 86 -23.55 -13.58 -9.76
CA GLN A 86 -22.47 -14.62 -9.63
C GLN A 86 -21.07 -14.07 -9.86
N ASP A 87 -20.89 -13.37 -10.96
CA ASP A 87 -19.59 -12.81 -11.27
C ASP A 87 -19.11 -11.73 -10.26
N LEU A 88 -20.01 -10.85 -9.85
CA LEU A 88 -19.70 -9.86 -8.85
C LEU A 88 -19.32 -10.52 -7.51
N LEU A 89 -20.11 -11.50 -7.07
CA LEU A 89 -19.86 -12.19 -5.80
C LEU A 89 -18.50 -12.89 -5.84
N LEU A 90 -18.18 -13.53 -6.96
CA LEU A 90 -16.90 -14.31 -7.14
C LEU A 90 -15.71 -13.38 -7.15
N GLU A 91 -15.78 -12.37 -8.02
CA GLU A 91 -14.74 -11.36 -8.07
C GLU A 91 -14.47 -10.66 -6.72
N SER A 92 -15.52 -10.32 -6.02
CA SER A 92 -15.39 -9.55 -4.81
C SER A 92 -14.79 -10.40 -3.66
N ALA A 93 -15.05 -11.72 -3.68
CA ALA A 93 -14.68 -12.63 -2.62
C ALA A 93 -13.36 -13.36 -2.90
N PHE A 94 -12.86 -13.28 -4.11
CA PHE A 94 -11.75 -14.08 -4.53
C PHE A 94 -10.56 -14.04 -3.57
N LEU A 95 -10.14 -12.85 -3.20
CA LEU A 95 -9.00 -12.71 -2.33
C LEU A 95 -9.24 -13.28 -1.01
N GLU A 96 -10.37 -12.95 -0.44
CA GLU A 96 -10.71 -13.50 0.88
C GLU A 96 -10.78 -15.07 0.86
N LEU A 97 -11.30 -15.62 -0.23
CA LEU A 97 -11.45 -17.11 -0.33
C LEU A 97 -10.09 -17.76 -0.49
N PHE A 98 -9.25 -17.15 -1.33
CA PHE A 98 -7.87 -17.59 -1.49
C PHE A 98 -7.15 -17.67 -0.14
N ILE A 99 -7.28 -16.62 0.64
CA ILE A 99 -6.66 -16.53 1.94
C ILE A 99 -7.28 -17.52 2.89
N LEU A 100 -8.59 -17.53 2.99
CA LEU A 100 -9.21 -18.43 3.98
C LEU A 100 -8.88 -19.92 3.72
N ARG A 101 -8.97 -20.35 2.46
CA ARG A 101 -8.76 -21.71 2.09
C ARG A 101 -7.27 -22.09 2.25
N LEU A 102 -6.36 -21.17 1.95
CA LEU A 102 -4.94 -21.34 2.16
C LEU A 102 -4.64 -21.48 3.65
N ALA A 103 -5.24 -20.62 4.47
CA ALA A 103 -5.02 -20.63 5.89
C ALA A 103 -5.47 -21.94 6.54
N TYR A 104 -6.57 -22.46 6.04
CA TYR A 104 -7.14 -23.66 6.59
C TYR A 104 -6.36 -24.89 6.13
N ARG A 105 -5.87 -24.90 4.88
CA ARG A 105 -5.11 -26.00 4.29
C ARG A 105 -3.66 -26.06 4.79
N SER A 106 -3.12 -24.92 5.20
CA SER A 106 -1.69 -24.83 5.49
C SER A 106 -1.38 -25.26 6.95
N LYS A 107 -0.09 -25.32 7.26
CA LYS A 107 0.42 -25.84 8.54
C LYS A 107 1.37 -24.83 9.12
N PRO A 108 0.80 -23.84 9.77
CA PRO A 108 1.56 -22.71 10.19
C PRO A 108 2.59 -23.07 11.30
N GLY A 109 2.36 -24.15 12.07
CA GLY A 109 3.38 -24.54 13.07
C GLY A 109 4.72 -24.82 12.37
N GLU A 110 4.66 -25.32 11.13
CA GLU A 110 5.85 -25.74 10.41
C GLU A 110 6.28 -24.76 9.31
N GLY A 111 5.64 -23.61 9.23
CA GLY A 111 5.86 -22.69 8.10
C GLY A 111 5.47 -23.23 6.71
N LYS A 112 4.58 -24.20 6.64
CA LYS A 112 4.23 -24.84 5.34
C LYS A 112 2.95 -24.25 4.76
N LEU A 113 3.04 -23.76 3.53
CA LEU A 113 1.91 -23.28 2.73
C LEU A 113 1.52 -24.39 1.82
N ILE A 114 0.24 -24.75 1.82
CA ILE A 114 -0.26 -25.76 0.91
C ILE A 114 -1.33 -25.17 -0.03
N PHE A 115 -1.03 -25.11 -1.31
CA PHE A 115 -1.92 -24.49 -2.28
C PHE A 115 -2.92 -25.46 -2.91
N CYS A 116 -3.94 -24.93 -3.59
CA CYS A 116 -5.07 -25.79 -3.99
C CYS A 116 -4.63 -26.83 -5.02
N SER A 117 -3.60 -26.58 -5.79
CA SER A 117 -3.06 -27.61 -6.69
C SER A 117 -2.46 -28.80 -5.95
N GLY A 118 -2.20 -28.68 -4.65
CA GLY A 118 -1.36 -29.61 -3.94
C GLY A 118 0.09 -29.23 -3.74
N LEU A 119 0.55 -28.17 -4.41
CA LEU A 119 1.90 -27.68 -4.23
C LEU A 119 2.18 -27.21 -2.76
N VAL A 120 3.27 -27.74 -2.18
CA VAL A 120 3.69 -27.35 -0.82
C VAL A 120 4.97 -26.51 -0.88
N LEU A 121 4.92 -25.35 -0.29
CA LEU A 121 6.07 -24.39 -0.25
C LEU A 121 6.28 -23.95 1.20
N HIS A 122 7.51 -23.64 1.55
CA HIS A 122 7.82 -23.10 2.82
C HIS A 122 7.60 -21.61 2.77
N ARG A 123 7.28 -21.06 3.92
CA ARG A 123 7.08 -19.63 4.00
C ARG A 123 8.21 -18.82 3.46
N LEU A 124 9.44 -19.28 3.66
CA LEU A 124 10.60 -18.55 3.14
C LEU A 124 10.70 -18.56 1.61
N GLN A 125 10.08 -19.54 0.96
CA GLN A 125 10.05 -19.59 -0.50
C GLN A 125 8.97 -18.62 -1.06
N CYS A 126 8.04 -18.18 -0.24
CA CYS A 126 6.96 -17.28 -0.67
C CYS A 126 7.17 -15.84 -0.26
N ALA A 127 8.09 -15.62 0.66
CA ALA A 127 8.25 -14.34 1.30
C ALA A 127 8.56 -13.24 0.30
N ARG A 128 9.39 -13.50 -0.68
CA ARG A 128 9.75 -12.42 -1.58
C ARG A 128 8.62 -12.01 -2.50
N GLY A 129 7.84 -12.97 -3.01
CA GLY A 129 6.70 -12.63 -3.81
C GLY A 129 5.53 -12.02 -3.06
N PHE A 130 5.17 -12.63 -1.94
CA PHE A 130 4.03 -12.18 -1.15
C PHE A 130 4.36 -11.01 -0.26
N GLY A 131 5.65 -10.81 0.07
CA GLY A 131 6.06 -9.85 1.13
C GLY A 131 5.52 -10.25 2.48
N ASP A 132 5.35 -9.28 3.36
CA ASP A 132 4.78 -9.45 4.74
C ASP A 132 3.37 -10.00 4.79
N TRP A 133 2.60 -9.85 3.73
CA TRP A 133 1.30 -10.48 3.69
C TRP A 133 1.31 -11.99 4.10
N ILE A 134 2.34 -12.76 3.67
CA ILE A 134 2.38 -14.20 3.96
C ILE A 134 2.47 -14.43 5.47
N ASP A 135 3.20 -13.58 6.17
CA ASP A 135 3.21 -13.68 7.64
C ASP A 135 1.88 -13.35 8.25
N SER A 136 1.18 -12.35 7.75
CA SER A 136 -0.15 -12.12 8.28
C SER A 136 -1.09 -13.27 8.00
N ILE A 137 -0.96 -13.84 6.84
CA ILE A 137 -1.79 -15.01 6.52
C ILE A 137 -1.51 -16.16 7.49
N LEU A 138 -0.20 -16.41 7.75
CA LEU A 138 0.16 -17.47 8.69
C LEU A 138 -0.30 -17.17 10.10
N ALA A 139 -0.24 -15.93 10.54
CA ALA A 139 -0.86 -15.64 11.84
C ALA A 139 -2.37 -15.93 11.86
N PHE A 140 -3.07 -15.60 10.76
CA PHE A 140 -4.52 -15.87 10.72
C PHE A 140 -4.76 -17.38 10.65
N SER A 141 -3.88 -18.08 9.96
CA SER A 141 -3.92 -19.54 9.95
C SER A 141 -3.75 -20.20 11.32
N ARG A 142 -2.82 -19.69 12.13
CA ARG A 142 -2.65 -20.24 13.54
C ARG A 142 -3.89 -19.95 14.36
N SER A 143 -4.42 -18.77 14.20
CA SER A 143 -5.63 -18.45 14.96
C SER A 143 -6.86 -19.27 14.49
N LEU A 144 -6.97 -19.52 13.18
CA LEU A 144 -8.05 -20.36 12.63
C LEU A 144 -7.92 -21.77 13.21
N HIS A 145 -6.71 -22.30 13.21
CA HIS A 145 -6.43 -23.62 13.73
C HIS A 145 -6.74 -23.78 15.21
N SER A 146 -6.52 -22.75 16.01
CA SER A 146 -6.84 -22.85 17.46
C SER A 146 -8.32 -23.02 17.68
N LEU A 147 -9.16 -22.56 16.74
CA LEU A 147 -10.60 -22.69 16.92
C LEU A 147 -10.99 -24.13 16.66
N LEU A 148 -10.14 -24.91 16.01
CA LEU A 148 -10.46 -26.28 15.73
C LEU A 148 -11.77 -26.30 14.98
N VAL A 149 -11.82 -25.66 13.83
CA VAL A 149 -13.04 -25.59 13.02
C VAL A 149 -13.10 -26.87 12.24
N ASP A 150 -14.21 -27.59 12.38
CA ASP A 150 -14.38 -28.86 11.67
C ASP A 150 -14.80 -28.62 10.21
N VAL A 151 -14.71 -29.65 9.41
CA VAL A 151 -14.86 -29.53 7.97
C VAL A 151 -16.24 -29.00 7.59
N PRO A 152 -17.31 -29.50 8.20
CA PRO A 152 -18.62 -28.94 7.82
C PRO A 152 -18.78 -27.47 8.21
N ALA A 153 -18.24 -27.08 9.37
CA ALA A 153 -18.30 -25.70 9.77
C ALA A 153 -17.53 -24.86 8.79
N PHE A 154 -16.36 -25.34 8.37
CA PHE A 154 -15.56 -24.59 7.40
C PHE A 154 -16.30 -24.50 6.07
N ALA A 155 -16.99 -25.58 5.68
CA ALA A 155 -17.63 -25.67 4.37
C ALA A 155 -18.73 -24.62 4.33
N CYS A 156 -19.35 -24.33 5.47
CA CYS A 156 -20.38 -23.22 5.53
C CYS A 156 -19.74 -21.83 5.61
N LEU A 157 -18.68 -21.66 6.44
CA LEU A 157 -17.97 -20.38 6.57
C LEU A 157 -17.47 -19.87 5.25
N SER A 158 -16.78 -20.72 4.49
CA SER A 158 -16.29 -20.27 3.20
C SER A 158 -17.41 -19.88 2.24
N ALA A 159 -18.50 -20.60 2.28
CA ALA A 159 -19.63 -20.22 1.44
C ALA A 159 -20.20 -18.87 1.85
N LEU A 160 -20.18 -18.59 3.16
CA LEU A 160 -20.65 -17.33 3.69
C LEU A 160 -19.80 -16.12 3.30
N VAL A 161 -18.54 -16.37 3.04
CA VAL A 161 -17.62 -15.35 2.52
C VAL A 161 -17.98 -14.94 1.10
N LEU A 162 -18.36 -15.90 0.29
CA LEU A 162 -18.79 -15.64 -1.07
C LEU A 162 -20.22 -15.01 -1.12
N ILE A 163 -21.14 -15.57 -0.40
CA ILE A 163 -22.55 -15.26 -0.55
C ILE A 163 -22.87 -14.23 0.52
N THR A 164 -22.73 -12.97 0.15
CA THR A 164 -22.76 -11.90 1.11
C THR A 164 -23.14 -10.61 0.37
N ASP A 165 -23.59 -9.61 1.06
CA ASP A 165 -23.97 -8.37 0.40
C ASP A 165 -22.77 -7.69 -0.22
N ARG A 166 -22.93 -7.26 -1.47
CA ARG A 166 -21.98 -6.46 -2.17
C ARG A 166 -22.71 -5.35 -2.88
N HIS A 167 -22.01 -4.25 -3.07
CA HIS A 167 -22.52 -3.10 -3.77
C HIS A 167 -22.65 -3.48 -5.23
N GLY A 168 -23.76 -3.11 -5.86
CA GLY A 168 -24.07 -3.44 -7.28
C GLY A 168 -24.85 -4.74 -7.57
N LEU A 169 -25.28 -5.43 -6.55
CA LEU A 169 -26.05 -6.68 -6.75
C LEU A 169 -27.44 -6.37 -7.35
N GLN A 170 -27.89 -7.18 -8.32
CA GLN A 170 -29.20 -7.01 -8.95
C GLN A 170 -30.28 -7.55 -8.06
N GLU A 171 -30.02 -8.62 -7.34
CA GLU A 171 -31.03 -9.15 -6.48
C GLU A 171 -30.52 -9.37 -5.06
N PRO A 172 -30.21 -8.27 -4.38
CA PRO A 172 -29.64 -8.39 -3.02
C PRO A 172 -30.46 -9.23 -2.05
N ARG A 173 -31.79 -9.22 -2.15
CA ARG A 173 -32.58 -10.08 -1.24
C ARG A 173 -32.40 -11.57 -1.51
N ARG A 174 -32.17 -11.94 -2.76
CA ARG A 174 -31.98 -13.38 -3.05
C ARG A 174 -30.61 -13.85 -2.55
N VAL A 175 -29.61 -12.97 -2.61
CA VAL A 175 -28.28 -13.32 -2.03
C VAL A 175 -28.44 -13.45 -0.51
N GLU A 176 -29.20 -12.53 0.11
CA GLU A 176 -29.51 -12.60 1.55
C GLU A 176 -30.28 -13.84 1.97
N GLU A 177 -31.24 -14.31 1.15
CA GLU A 177 -31.98 -15.54 1.48
C GLU A 177 -31.01 -16.74 1.47
N LEU A 178 -30.16 -16.84 0.46
CA LEU A 178 -29.18 -17.94 0.35
C LEU A 178 -28.18 -17.90 1.50
N GLN A 179 -27.68 -16.72 1.81
CA GLN A 179 -26.82 -16.51 2.99
C GLN A 179 -27.51 -16.97 4.29
N ASN A 180 -28.74 -16.55 4.49
CA ASN A 180 -29.48 -17.00 5.68
C ASN A 180 -29.61 -18.46 5.69
N ARG A 181 -29.90 -19.11 4.56
CA ARG A 181 -29.98 -20.61 4.55
C ARG A 181 -28.64 -21.21 5.01
N ILE A 182 -27.51 -20.66 4.52
CA ILE A 182 -26.21 -21.25 4.88
C ILE A 182 -25.91 -20.97 6.34
N ALA A 183 -26.20 -19.78 6.80
CA ALA A 183 -25.92 -19.43 8.19
C ALA A 183 -26.74 -20.31 9.13
N SER A 184 -28.02 -20.50 8.81
CA SER A 184 -28.88 -21.43 9.62
C SER A 184 -28.33 -22.83 9.64
N CYS A 185 -27.84 -23.30 8.49
CA CYS A 185 -27.25 -24.62 8.36
C CYS A 185 -26.01 -24.76 9.24
N LEU A 186 -25.22 -23.69 9.31
CA LEU A 186 -24.02 -23.68 10.15
C LEU A 186 -24.39 -23.71 11.65
N LYS A 187 -25.26 -22.79 12.04
CA LYS A 187 -25.74 -22.65 13.40
C LYS A 187 -26.29 -24.01 13.89
N GLU A 188 -27.09 -24.67 13.08
CA GLU A 188 -27.56 -25.99 13.44
C GLU A 188 -26.43 -26.98 13.61
N HIS A 189 -25.50 -27.04 12.67
CA HIS A 189 -24.36 -27.98 12.80
C HIS A 189 -23.50 -27.72 14.09
N VAL A 190 -23.20 -26.48 14.39
CA VAL A 190 -22.42 -26.17 15.56
C VAL A 190 -23.17 -26.46 16.85
N ALA A 191 -24.49 -26.25 16.87
CA ALA A 191 -25.29 -26.64 18.01
C ALA A 191 -25.23 -28.17 18.18
N ALA A 192 -25.44 -28.91 17.08
CA ALA A 192 -25.50 -30.38 17.12
C ALA A 192 -24.19 -31.02 17.56
N VAL A 193 -23.05 -30.46 17.14
CA VAL A 193 -21.75 -31.02 17.56
C VAL A 193 -21.43 -30.54 18.98
N ALA A 194 -22.27 -29.69 19.55
CA ALA A 194 -22.09 -29.22 20.92
C ALA A 194 -23.43 -28.83 21.55
N PRO A 197 -30.68 -25.87 23.25
CA PRO A 197 -29.52 -26.30 22.45
C PRO A 197 -28.61 -25.13 22.07
N GLN A 198 -27.31 -25.39 21.96
CA GLN A 198 -26.37 -24.37 21.52
C GLN A 198 -24.93 -24.88 21.61
N ALA A 200 -22.98 -21.10 20.47
CA ALA A 200 -23.16 -19.73 19.95
C ALA A 200 -22.05 -18.73 20.35
N SER A 201 -21.38 -18.99 21.46
CA SER A 201 -20.11 -18.33 21.72
C SER A 201 -19.09 -18.91 20.75
N CYS A 202 -19.11 -20.23 20.55
CA CYS A 202 -18.28 -20.85 19.52
C CYS A 202 -18.62 -20.16 18.18
N LEU A 203 -19.93 -20.05 17.89
CA LEU A 203 -20.40 -19.47 16.63
C LEU A 203 -19.97 -18.03 16.44
N SER A 204 -20.16 -17.22 17.47
CA SER A 204 -19.74 -15.84 17.37
C SER A 204 -18.19 -15.79 17.20
N ARG A 205 -17.45 -16.73 17.77
CA ARG A 205 -15.98 -16.78 17.60
C ARG A 205 -15.60 -17.13 16.16
N LEU A 206 -16.36 -18.01 15.57
CA LEU A 206 -16.18 -18.35 14.21
C LEU A 206 -16.47 -17.17 13.22
N LEU A 207 -17.66 -16.60 13.31
CA LEU A 207 -18.05 -15.48 12.50
C LEU A 207 -17.17 -14.28 12.70
N GLY A 208 -16.60 -14.14 13.88
CA GLY A 208 -15.57 -13.12 14.12
C GLY A 208 -14.34 -13.23 13.22
N LYS A 209 -14.16 -14.38 12.56
CA LYS A 209 -13.06 -14.46 11.58
C LYS A 209 -13.33 -13.73 10.25
N LEU A 210 -14.57 -13.48 9.91
CA LEU A 210 -14.88 -12.84 8.66
C LEU A 210 -14.34 -11.39 8.53
N PRO A 211 -14.62 -10.48 9.51
CA PRO A 211 -13.92 -9.17 9.53
C PRO A 211 -12.41 -9.20 9.47
N GLU A 212 -11.76 -10.07 10.23
CA GLU A 212 -10.28 -10.17 10.10
C GLU A 212 -9.87 -10.58 8.69
N LEU A 213 -10.68 -11.40 8.07
CA LEU A 213 -10.38 -11.85 6.70
C LEU A 213 -10.42 -10.69 5.74
N ARG A 214 -11.38 -9.80 5.91
CA ARG A 214 -11.49 -8.63 5.04
C ARG A 214 -10.25 -7.74 5.13
N THR A 215 -9.79 -7.53 6.36
CA THR A 215 -8.56 -6.82 6.60
C THR A 215 -7.41 -7.47 5.91
N LEU A 216 -7.28 -8.79 5.96
CA LEU A 216 -6.19 -9.47 5.20
C LEU A 216 -6.34 -9.33 3.71
N CYS A 217 -7.56 -9.27 3.20
CA CYS A 217 -7.77 -9.07 1.75
C CYS A 217 -7.16 -7.68 1.37
N THR A 218 -7.37 -6.66 2.21
CA THR A 218 -6.78 -5.30 1.96
C THR A 218 -5.29 -5.38 1.86
N GLN A 219 -4.69 -6.12 2.77
CA GLN A 219 -3.21 -6.35 2.64
C GLN A 219 -2.75 -6.98 1.34
N GLY A 220 -3.58 -7.85 0.80
CA GLY A 220 -3.30 -8.42 -0.55
C GLY A 220 -3.43 -7.41 -1.63
N LEU A 221 -4.49 -6.60 -1.54
CA LEU A 221 -4.65 -5.53 -2.54
C LEU A 221 -3.38 -4.58 -2.45
N GLN A 222 -2.94 -4.29 -1.22
CA GLN A 222 -1.74 -3.45 -1.06
C GLN A 222 -0.53 -4.09 -1.67
N ARG A 223 -0.39 -5.39 -1.57
CA ARG A 223 0.77 -6.07 -2.20
C ARG A 223 0.67 -6.05 -3.69
N ILE A 224 -0.53 -6.23 -4.23
CA ILE A 224 -0.71 -6.18 -5.69
C ILE A 224 -0.42 -4.75 -6.20
N PHE A 225 -0.90 -3.75 -5.47
CA PHE A 225 -0.60 -2.35 -5.87
C PHE A 225 0.91 -2.12 -5.93
N TYR A 226 1.62 -2.55 -4.91
CA TYR A 226 3.07 -2.38 -4.87
C TYR A 226 3.74 -3.08 -6.06
N LEU A 227 3.31 -4.29 -6.38
CA LEU A 227 3.91 -5.00 -7.48
C LEU A 227 3.54 -4.35 -8.79
N LYS A 228 2.33 -3.81 -8.90
CA LYS A 228 2.01 -3.11 -10.13
C LYS A 228 2.86 -1.82 -10.27
N LEU A 229 3.19 -1.18 -9.15
CA LEU A 229 4.03 0.02 -9.15
C LEU A 229 5.40 -0.36 -9.61
N GLU A 230 5.95 -1.41 -9.02
CA GLU A 230 7.31 -1.80 -9.34
C GLU A 230 7.37 -2.25 -10.77
N ASP A 231 6.35 -3.01 -11.19
CA ASP A 231 6.20 -3.39 -12.60
C ASP A 231 7.26 -4.35 -13.15
N LEU A 232 7.74 -5.32 -12.36
CA LEU A 232 8.65 -6.34 -12.92
C LEU A 232 7.91 -7.24 -13.86
N VAL A 233 6.78 -7.76 -13.43
CA VAL A 233 5.96 -8.58 -14.28
C VAL A 233 4.53 -8.16 -14.06
N PRO A 234 3.81 -8.02 -15.16
CA PRO A 234 2.46 -7.53 -15.08
C PRO A 234 1.54 -8.59 -14.51
N PRO A 235 0.51 -8.14 -13.80
CA PRO A 235 -0.46 -9.12 -13.39
C PRO A 235 -1.12 -9.78 -14.58
N PRO A 236 -1.47 -11.08 -14.47
CA PRO A 236 -2.33 -11.66 -15.47
C PRO A 236 -3.70 -10.95 -15.49
N PRO A 237 -4.32 -10.89 -16.68
CA PRO A 237 -5.48 -10.02 -16.93
C PRO A 237 -6.61 -10.24 -15.98
N ILE A 238 -6.87 -11.50 -15.62
CA ILE A 238 -8.03 -11.72 -14.74
C ILE A 238 -7.77 -11.18 -13.31
N ILE A 239 -6.57 -11.36 -12.79
CA ILE A 239 -6.26 -10.81 -11.45
C ILE A 239 -6.32 -9.29 -11.53
N ASP A 240 -5.78 -8.74 -12.61
CA ASP A 240 -5.70 -7.30 -12.79
C ASP A 240 -7.10 -6.70 -12.81
N LYS A 241 -8.06 -7.38 -13.46
CA LYS A 241 -9.45 -6.91 -13.47
C LYS A 241 -10.07 -6.97 -12.12
N ILE A 242 -9.82 -8.07 -11.40
CA ILE A 242 -10.32 -8.15 -10.04
C ILE A 242 -9.78 -7.02 -9.15
N PHE A 243 -8.46 -6.81 -9.22
CA PHE A 243 -7.81 -5.68 -8.49
C PHE A 243 -8.55 -4.39 -8.91
N MET A 244 -8.61 -4.09 -10.18
CA MET A 244 -9.24 -2.80 -10.60
C MET A 244 -10.73 -2.76 -10.24
N ASP A 245 -11.46 -3.86 -10.39
CA ASP A 245 -12.94 -3.88 -10.11
C ASP A 245 -13.27 -3.80 -8.66
N THR A 246 -12.37 -4.20 -7.79
CA THR A 246 -12.67 -4.16 -6.35
C THR A 246 -12.06 -2.91 -5.70
N LEU A 247 -11.47 -2.01 -6.47
CA LEU A 247 -10.99 -0.78 -5.88
C LEU A 247 -12.15 0.19 -5.79
N PRO A 248 -12.66 0.43 -4.58
CA PRO A 248 -13.75 1.38 -4.42
C PRO A 248 -13.43 2.87 -4.78
N PHE A 249 -12.44 3.14 -5.66
CA PHE A 249 -12.23 4.50 -6.19
C PHE A 249 -11.93 4.51 -7.71
N PRO B 12 24.78 37.57 -5.98
CA PRO B 12 26.13 37.36 -5.46
C PRO B 12 26.74 35.91 -5.49
N ALA B 13 26.70 35.15 -6.60
CA ALA B 13 26.21 35.60 -7.92
C ALA B 13 24.68 35.46 -7.95
N ASN B 14 24.05 35.97 -9.00
CA ASN B 14 22.62 36.26 -8.83
C ASN B 14 21.58 35.11 -8.88
N LEU B 15 21.83 34.07 -9.68
CA LEU B 15 20.94 32.91 -9.65
C LEU B 15 20.99 32.28 -8.24
N LEU B 16 22.20 32.06 -7.74
CA LEU B 16 22.40 31.44 -6.43
C LEU B 16 21.63 32.20 -5.38
N THR B 17 21.76 33.51 -5.39
CA THR B 17 21.07 34.32 -4.38
C THR B 17 19.58 34.17 -4.50
N SER B 18 19.06 34.15 -5.72
CA SER B 18 17.61 34.01 -5.86
C SER B 18 17.11 32.64 -5.35
N LEU B 19 17.90 31.60 -5.58
CA LEU B 19 17.51 30.22 -5.18
C LEU B 19 17.52 30.14 -3.66
N VAL B 20 18.54 30.74 -3.02
CA VAL B 20 18.68 30.71 -1.53
C VAL B 20 17.50 31.46 -0.93
N ARG B 21 17.21 32.60 -1.50
CA ARG B 21 16.08 33.41 -1.03
C ARG B 21 14.76 32.67 -1.21
N ALA B 22 14.58 32.01 -2.33
CA ALA B 22 13.30 31.33 -2.48
C ALA B 22 13.22 30.20 -1.42
N HIS B 23 14.35 29.52 -1.21
CA HIS B 23 14.39 28.43 -0.26
C HIS B 23 14.07 28.97 1.15
N LEU B 24 14.79 29.97 1.60
CA LEU B 24 14.57 30.45 2.97
C LEU B 24 13.19 31.04 3.18
N ASP B 25 12.59 31.62 2.16
CA ASP B 25 11.23 32.13 2.35
C ASP B 25 10.15 31.05 2.25
N SER B 26 10.49 29.81 1.89
CA SER B 26 9.44 28.78 1.79
C SER B 26 9.32 27.94 3.05
N GLY B 27 9.98 28.34 4.11
CA GLY B 27 10.04 27.47 5.27
C GLY B 27 10.05 28.35 6.49
N PRO B 28 9.96 27.75 7.67
CA PRO B 28 9.96 28.56 8.85
C PRO B 28 11.37 28.82 9.38
N SER B 29 11.59 30.01 9.94
CA SER B 29 12.75 30.28 10.84
C SER B 29 12.51 29.68 12.22
N THR B 30 13.56 29.58 13.03
CA THR B 30 13.39 29.30 14.45
C THR B 30 12.32 30.11 15.21
N ALA B 31 12.21 31.40 14.91
CA ALA B 31 11.20 32.24 15.57
C ALA B 31 9.76 31.86 15.19
N LYS B 32 9.50 31.36 13.98
CA LYS B 32 8.12 30.98 13.58
C LYS B 32 7.75 29.47 13.72
N LEU B 33 8.55 28.72 14.52
CA LEU B 33 8.23 27.34 14.92
C LEU B 33 7.05 27.31 15.86
N ASP B 34 6.03 26.57 15.45
CA ASP B 34 4.78 26.50 16.13
C ASP B 34 4.70 25.17 16.88
N TYR B 35 4.84 25.30 18.18
CA TYR B 35 4.81 24.19 19.12
C TYR B 35 3.44 23.95 19.79
N SER B 36 2.40 24.64 19.32
CA SER B 36 1.06 24.58 19.93
C SER B 36 0.37 23.22 19.82
N LYS B 37 0.82 22.33 18.94
CA LYS B 37 0.21 21.02 18.96
C LYS B 37 1.22 19.96 19.37
N PHE B 38 2.47 20.33 19.61
CA PHE B 38 3.50 19.36 19.87
C PHE B 38 3.26 18.70 21.21
N GLN B 39 3.37 17.37 21.27
CA GLN B 39 3.48 16.64 22.54
C GLN B 39 4.63 15.67 22.51
N GLU B 40 5.44 15.71 23.57
CA GLU B 40 6.67 14.89 23.59
C GLU B 40 6.33 13.45 23.76
N LEU B 41 5.17 13.16 24.29
CA LEU B 41 4.71 11.78 24.35
C LEU B 41 3.22 11.76 24.10
N VAL B 42 2.80 10.81 23.31
CA VAL B 42 1.40 10.56 23.11
C VAL B 42 1.38 9.01 23.09
N LEU B 43 0.24 8.43 23.46
CA LEU B 43 0.11 7.00 23.54
C LEU B 43 -0.87 6.55 22.45
N PRO B 44 -0.36 6.20 21.26
CA PRO B 44 -1.39 5.90 20.27
C PRO B 44 -1.60 4.40 20.09
N HIS B 45 -2.74 4.08 19.50
CA HIS B 45 -3.03 2.75 19.04
C HIS B 45 -2.34 2.60 17.67
N PHE B 46 -1.20 1.90 17.64
CA PHE B 46 -0.44 1.70 16.38
C PHE B 46 -1.23 0.83 15.34
N GLY B 47 -0.94 1.00 14.04
CA GLY B 47 -1.52 0.19 12.97
C GLY B 47 -2.99 0.50 12.66
N LYS B 48 -3.46 1.61 13.16
CA LYS B 48 -4.82 2.09 12.89
C LYS B 48 -4.83 3.63 12.91
N GLU B 49 -5.98 4.22 12.56
CA GLU B 49 -6.10 5.67 12.37
C GLU B 49 -7.57 6.09 12.37
N ASP B 50 -7.85 7.31 12.76
CA ASP B 50 -9.22 7.87 12.72
C ASP B 50 -9.27 9.10 11.77
N ALA B 51 -10.45 9.73 11.63
CA ALA B 51 -10.64 10.73 10.58
C ALA B 51 -9.78 11.94 10.79
N GLY B 52 -9.56 12.31 12.02
CA GLY B 52 -8.78 13.50 12.33
C GLY B 52 -7.28 13.25 12.02
N ASP B 53 -6.79 12.05 12.27
CA ASP B 53 -5.43 11.74 11.81
C ASP B 53 -5.31 11.82 10.28
N VAL B 54 -6.27 11.24 9.56
CA VAL B 54 -6.21 11.17 8.11
C VAL B 54 -6.32 12.61 7.51
N GLN B 55 -7.19 13.41 8.06
CA GLN B 55 -7.42 14.73 7.53
C GLN B 55 -6.16 15.61 7.76
N GLN B 56 -5.52 15.48 8.91
CA GLN B 56 -4.29 16.21 9.16
C GLN B 56 -3.15 15.76 8.17
N PHE B 57 -3.04 14.46 7.91
CA PHE B 57 -2.11 13.95 6.91
C PHE B 57 -2.31 14.66 5.57
N TYR B 58 -3.55 14.63 5.08
CA TYR B 58 -3.87 15.31 3.85
C TYR B 58 -3.66 16.78 3.89
N ASP B 59 -3.96 17.42 5.01
CA ASP B 59 -3.77 18.84 5.11
C ASP B 59 -2.26 19.24 5.08
N LEU B 60 -1.42 18.45 5.74
CA LEU B 60 0.05 18.66 5.64
C LEU B 60 0.58 18.51 4.24
N LEU B 61 0.14 17.50 3.56
CA LEU B 61 0.47 17.32 2.16
C LEU B 61 0.02 18.50 1.27
N SER B 62 -1.24 18.93 1.43
CA SER B 62 -1.77 20.11 0.72
C SER B 62 -1.08 21.41 0.96
N GLY B 63 -0.88 21.72 2.23
CA GLY B 63 -0.19 22.94 2.59
C GLY B 63 1.25 22.95 2.12
N SER B 64 1.89 21.79 2.13
CA SER B 64 3.25 21.72 1.58
C SER B 64 3.27 21.96 0.03
N LEU B 65 2.31 21.41 -0.69
CA LEU B 65 2.22 21.64 -2.15
C LEU B 65 1.98 23.12 -2.44
N GLU B 66 1.17 23.78 -1.64
CA GLU B 66 0.97 25.27 -1.79
C GLU B 66 2.24 26.08 -1.53
N VAL B 67 3.02 25.67 -0.53
CA VAL B 67 4.27 26.31 -0.25
C VAL B 67 5.28 26.03 -1.40
N ILE B 68 5.29 24.82 -1.92
CA ILE B 68 6.20 24.44 -2.97
C ILE B 68 5.88 25.20 -4.27
N ARG B 69 4.63 25.36 -4.57
CA ARG B 69 4.19 26.16 -5.71
C ARG B 69 4.69 27.64 -5.63
N LYS B 70 4.64 28.25 -4.45
CA LYS B 70 5.21 29.56 -4.24
C LYS B 70 6.69 29.63 -4.28
N TRP B 71 7.37 28.63 -3.76
CA TRP B 71 8.80 28.56 -3.90
C TRP B 71 9.16 28.45 -5.40
N ALA B 72 8.43 27.64 -6.12
CA ALA B 72 8.78 27.35 -7.54
C ALA B 72 8.67 28.64 -8.35
N GLU B 73 7.60 29.40 -8.13
CA GLU B 73 7.32 30.70 -8.77
CA GLU B 73 7.36 30.67 -8.84
C GLU B 73 8.48 31.69 -8.61
N LYS B 74 9.31 31.51 -7.58
CA LYS B 74 10.50 32.34 -7.35
C LYS B 74 11.79 31.84 -7.98
N ILE B 75 11.79 30.69 -8.62
CA ILE B 75 13.01 30.18 -9.26
C ILE B 75 13.06 30.89 -10.62
N PRO B 76 14.15 31.62 -10.90
CA PRO B 76 14.12 32.47 -12.14
C PRO B 76 13.98 31.62 -13.40
N GLY B 77 13.00 31.97 -14.22
CA GLY B 77 12.64 31.22 -15.42
C GLY B 77 11.49 30.30 -15.28
N PHE B 78 11.21 29.86 -14.07
CA PHE B 78 10.16 28.85 -13.96
C PHE B 78 8.76 29.44 -14.33
N ALA B 79 8.42 30.61 -13.81
CA ALA B 79 7.03 31.15 -14.03
C ALA B 79 6.75 31.53 -15.49
N GLU B 80 7.76 31.47 -16.34
CA GLU B 80 7.60 31.71 -17.79
C GLU B 80 7.54 30.48 -18.60
N LEU B 81 7.68 29.33 -17.96
CA LEU B 81 7.29 28.07 -18.61
C LEU B 81 5.77 28.11 -18.89
N SER B 82 5.29 27.39 -19.89
CA SER B 82 3.89 27.14 -20.08
C SER B 82 3.24 26.65 -18.81
N PRO B 83 1.97 27.03 -18.64
CA PRO B 83 1.24 26.61 -17.47
C PRO B 83 1.14 25.12 -17.37
N ALA B 84 0.98 24.42 -18.48
CA ALA B 84 0.93 22.98 -18.37
C ALA B 84 2.28 22.40 -17.90
N ASP B 85 3.37 23.03 -18.32
CA ASP B 85 4.69 22.52 -17.94
C ASP B 85 5.03 22.80 -16.47
N GLN B 86 4.66 23.97 -15.99
CA GLN B 86 4.74 24.27 -14.59
C GLN B 86 3.97 23.24 -13.70
N ASP B 87 2.72 22.96 -14.03
CA ASP B 87 1.95 21.99 -13.32
C ASP B 87 2.51 20.55 -13.35
N LEU B 88 2.96 20.15 -14.51
CA LEU B 88 3.53 18.85 -14.67
C LEU B 88 4.84 18.70 -13.82
N LEU B 89 5.68 19.69 -13.85
CA LEU B 89 6.95 19.62 -13.10
C LEU B 89 6.67 19.54 -11.60
N LEU B 90 5.73 20.38 -11.12
CA LEU B 90 5.36 20.46 -9.74
C LEU B 90 4.72 19.18 -9.27
N GLU B 91 3.74 18.71 -10.00
CA GLU B 91 3.07 17.43 -9.70
C GLU B 91 3.98 16.22 -9.68
N SER B 92 4.90 16.12 -10.66
CA SER B 92 5.79 15.00 -10.76
C SER B 92 6.86 15.01 -9.68
N ALA B 93 7.28 16.19 -9.22
CA ALA B 93 8.33 16.35 -8.17
C ALA B 93 7.77 16.51 -6.75
N PHE B 94 6.48 16.68 -6.58
CA PHE B 94 5.89 17.06 -5.28
C PHE B 94 6.28 16.10 -4.12
N LEU B 95 6.09 14.83 -4.33
CA LEU B 95 6.36 13.88 -3.20
C LEU B 95 7.80 13.83 -2.81
N GLU B 96 8.66 13.76 -3.79
CA GLU B 96 10.10 13.93 -3.61
C GLU B 96 10.54 15.19 -2.89
N LEU B 97 9.95 16.32 -3.26
CA LEU B 97 10.27 17.59 -2.63
C LEU B 97 9.73 17.62 -1.22
N PHE B 98 8.51 17.15 -1.05
CA PHE B 98 7.93 17.09 0.32
C PHE B 98 8.89 16.33 1.28
N ILE B 99 9.30 15.11 0.88
CA ILE B 99 10.14 14.26 1.70
C ILE B 99 11.51 14.97 1.87
N LEU B 100 12.11 15.45 0.79
CA LEU B 100 13.41 16.05 0.92
C LEU B 100 13.48 17.25 1.85
N ARG B 101 12.56 18.17 1.72
CA ARG B 101 12.52 19.35 2.52
C ARG B 101 12.17 19.01 3.97
N LEU B 102 11.22 18.07 4.21
CA LEU B 102 10.87 17.65 5.52
C LEU B 102 12.08 16.99 6.19
N ALA B 103 12.75 16.13 5.46
CA ALA B 103 13.94 15.52 6.03
C ALA B 103 15.04 16.54 6.37
N TYR B 104 15.23 17.54 5.50
CA TYR B 104 16.31 18.49 5.68
C TYR B 104 15.94 19.36 6.85
N ARG B 105 14.68 19.73 7.05
CA ARG B 105 14.43 20.65 8.16
C ARG B 105 14.15 20.02 9.51
N SER B 106 13.85 18.72 9.56
CA SER B 106 13.42 18.03 10.77
C SER B 106 14.62 17.73 11.73
N LYS B 107 14.32 17.26 12.93
CA LYS B 107 15.31 17.01 14.01
C LYS B 107 15.17 15.59 14.53
N PRO B 108 15.73 14.65 13.79
CA PRO B 108 15.59 13.27 14.05
C PRO B 108 16.20 12.86 15.39
N GLY B 109 17.20 13.61 15.88
CA GLY B 109 17.74 13.33 17.23
C GLY B 109 16.78 13.65 18.37
N GLU B 110 15.71 14.39 18.09
CA GLU B 110 14.64 14.62 19.06
C GLU B 110 13.29 14.00 18.67
N GLY B 111 13.26 13.23 17.59
CA GLY B 111 12.01 12.72 17.08
C GLY B 111 11.03 13.76 16.58
N LYS B 112 11.56 14.90 16.22
CA LYS B 112 10.74 16.01 15.79
C LYS B 112 10.68 16.17 14.23
N LEU B 113 9.45 16.18 13.72
CA LEU B 113 9.11 16.49 12.37
C LEU B 113 8.77 17.94 12.37
N ILE B 114 9.32 18.67 11.42
CA ILE B 114 9.04 20.08 11.33
C ILE B 114 8.55 20.34 9.92
N PHE B 115 7.32 20.72 9.82
CA PHE B 115 6.67 20.94 8.54
C PHE B 115 6.78 22.38 8.07
N CYS B 116 6.43 22.61 6.80
CA CYS B 116 6.76 23.94 6.20
C CYS B 116 6.01 25.12 6.84
N SER B 117 4.86 24.89 7.44
CA SER B 117 4.14 25.95 8.19
C SER B 117 4.81 26.29 9.48
N GLY B 118 5.85 25.56 9.88
CA GLY B 118 6.42 25.72 11.20
C GLY B 118 5.85 24.79 12.27
N LEU B 119 4.79 24.07 11.92
CA LEU B 119 4.20 23.08 12.81
C LEU B 119 5.24 21.94 13.15
N VAL B 120 5.42 21.73 14.45
CA VAL B 120 6.26 20.73 14.97
C VAL B 120 5.40 19.62 15.51
N LEU B 121 5.69 18.40 15.11
CA LEU B 121 4.98 17.24 15.64
C LEU B 121 6.01 16.19 15.99
N HIS B 122 5.73 15.40 17.02
CA HIS B 122 6.64 14.32 17.43
C HIS B 122 6.36 13.16 16.54
N ARG B 123 7.35 12.29 16.38
CA ARG B 123 7.15 11.07 15.62
C ARG B 123 5.87 10.27 15.94
N LEU B 124 5.59 10.09 17.25
CA LEU B 124 4.44 9.38 17.79
C LEU B 124 3.09 10.06 17.42
N GLN B 125 3.07 11.34 17.23
CA GLN B 125 1.88 12.06 16.82
C GLN B 125 1.67 11.89 15.30
N CYS B 126 2.69 11.45 14.57
CA CYS B 126 2.52 11.25 13.11
C CYS B 126 2.28 9.79 12.77
N ALA B 127 2.48 8.91 13.71
CA ALA B 127 2.39 7.51 13.48
C ALA B 127 1.01 7.10 12.90
N ARG B 128 -0.07 7.64 13.41
CA ARG B 128 -1.38 7.11 13.00
C ARG B 128 -1.72 7.58 11.57
N GLY B 129 -1.51 8.84 11.24
CA GLY B 129 -1.77 9.29 9.87
C GLY B 129 -0.79 8.77 8.81
N PHE B 130 0.50 8.89 9.09
CA PHE B 130 1.54 8.59 8.11
C PHE B 130 1.92 7.14 8.09
N GLY B 131 1.60 6.40 9.17
CA GLY B 131 2.07 5.02 9.34
C GLY B 131 3.61 4.94 9.56
N ASP B 132 4.20 3.89 9.06
CA ASP B 132 5.67 3.66 9.00
C ASP B 132 6.48 4.67 8.19
N TRP B 133 5.87 5.25 7.20
CA TRP B 133 6.53 6.18 6.29
C TRP B 133 7.29 7.27 7.09
N ILE B 134 6.71 7.77 8.16
CA ILE B 134 7.30 8.84 8.90
C ILE B 134 8.60 8.40 9.58
N ASP B 135 8.63 7.19 10.12
CA ASP B 135 9.89 6.69 10.69
C ASP B 135 10.97 6.55 9.62
N SER B 136 10.59 6.10 8.43
CA SER B 136 11.56 6.01 7.35
C SER B 136 12.05 7.40 6.94
N ILE B 137 11.15 8.39 6.92
CA ILE B 137 11.55 9.74 6.59
C ILE B 137 12.58 10.27 7.60
N LEU B 138 12.35 10.01 8.88
CA LEU B 138 13.31 10.43 9.87
C LEU B 138 14.65 9.69 9.72
N ALA B 139 14.64 8.41 9.35
CA ALA B 139 15.93 7.77 9.03
C ALA B 139 16.67 8.46 7.88
N PHE B 140 15.91 8.92 6.89
CA PHE B 140 16.52 9.58 5.72
C PHE B 140 17.00 10.97 6.13
N SER B 141 16.32 11.58 7.09
CA SER B 141 16.75 12.80 7.64
C SER B 141 18.12 12.62 8.30
N ARG B 142 18.35 11.56 9.04
CA ARG B 142 19.70 11.37 9.67
C ARG B 142 20.74 11.13 8.59
N SER B 143 20.38 10.36 7.61
CA SER B 143 21.26 10.10 6.48
C SER B 143 21.62 11.37 5.63
N LEU B 144 20.66 12.25 5.39
CA LEU B 144 20.90 13.52 4.72
C LEU B 144 21.80 14.41 5.60
N HIS B 145 21.47 14.54 6.89
CA HIS B 145 22.24 15.39 7.83
C HIS B 145 23.71 14.98 7.95
N SER B 146 24.00 13.69 7.81
CA SER B 146 25.36 13.19 7.93
C SER B 146 26.24 13.73 6.79
N LEU B 147 25.62 14.11 5.68
CA LEU B 147 26.34 14.66 4.55
C LEU B 147 26.65 16.13 4.74
N LEU B 148 25.97 16.79 5.66
CA LEU B 148 26.24 18.18 5.88
C LEU B 148 26.12 19.04 4.61
N VAL B 149 24.96 19.04 3.99
CA VAL B 149 24.73 19.86 2.79
C VAL B 149 24.40 21.25 3.27
N ASP B 150 25.16 22.27 2.81
CA ASP B 150 24.85 23.65 3.25
C ASP B 150 23.58 24.19 2.51
N VAL B 151 23.09 25.31 2.97
CA VAL B 151 21.90 25.89 2.47
C VAL B 151 21.94 26.18 0.96
N PRO B 152 23.03 26.78 0.46
CA PRO B 152 22.98 27.12 -0.97
C PRO B 152 23.03 25.89 -1.83
N ALA B 153 23.78 24.86 -1.38
CA ALA B 153 23.82 23.63 -2.10
C ALA B 153 22.41 22.99 -2.14
N PHE B 154 21.72 23.01 -0.97
CA PHE B 154 20.38 22.46 -0.84
C PHE B 154 19.36 23.26 -1.69
N ALA B 155 19.53 24.57 -1.76
CA ALA B 155 18.66 25.43 -2.56
C ALA B 155 18.79 25.10 -4.05
N CYS B 156 20.00 24.73 -4.53
CA CYS B 156 20.15 24.30 -5.93
C CYS B 156 19.65 22.88 -6.20
N LEU B 157 20.00 21.95 -5.29
CA LEU B 157 19.61 20.58 -5.39
C LEU B 157 18.11 20.42 -5.41
N SER B 158 17.39 21.06 -4.53
CA SER B 158 15.95 20.95 -4.54
C SER B 158 15.36 21.51 -5.83
N ALA B 159 15.90 22.61 -6.35
CA ALA B 159 15.45 23.17 -7.62
C ALA B 159 15.69 22.20 -8.72
N LEU B 160 16.78 21.45 -8.65
CA LEU B 160 17.10 20.41 -9.64
C LEU B 160 16.17 19.16 -9.60
N VAL B 161 15.62 18.85 -8.45
CA VAL B 161 14.61 17.82 -8.31
C VAL B 161 13.37 18.23 -9.09
N LEU B 162 13.02 19.51 -9.03
CA LEU B 162 11.85 20.04 -9.74
C LEU B 162 12.12 20.22 -11.24
N ILE B 163 13.23 20.82 -11.57
CA ILE B 163 13.50 21.23 -12.96
C ILE B 163 14.32 20.14 -13.62
N THR B 164 13.63 19.25 -14.28
CA THR B 164 14.21 18.06 -14.79
C THR B 164 13.33 17.56 -15.93
N ASP B 165 13.84 16.64 -16.74
CA ASP B 165 13.05 16.03 -17.79
C ASP B 165 11.87 15.28 -17.18
N ARG B 166 10.69 15.46 -17.77
CA ARG B 166 9.52 14.60 -17.50
C ARG B 166 8.85 14.30 -18.83
N HIS B 167 8.28 13.12 -18.92
CA HIS B 167 7.51 12.71 -20.05
C HIS B 167 6.25 13.62 -20.10
N GLY B 168 5.90 14.12 -21.28
CA GLY B 168 4.73 15.05 -21.47
C GLY B 168 5.03 16.53 -21.44
N LEU B 169 6.27 16.92 -21.18
CA LEU B 169 6.59 18.38 -21.22
C LEU B 169 6.38 18.95 -22.68
N GLN B 170 5.74 20.12 -22.81
CA GLN B 170 5.58 20.78 -24.08
C GLN B 170 6.92 21.38 -24.55
N GLU B 171 7.72 21.95 -23.65
CA GLU B 171 8.99 22.56 -24.00
C GLU B 171 10.17 21.97 -23.25
N PRO B 172 10.47 20.71 -23.53
CA PRO B 172 11.54 20.04 -22.78
C PRO B 172 12.85 20.75 -22.88
N ARG B 173 13.17 21.39 -24.00
CA ARG B 173 14.51 22.03 -24.14
C ARG B 173 14.67 23.26 -23.23
N ARG B 174 13.56 23.96 -23.01
CA ARG B 174 13.59 25.11 -22.10
C ARG B 174 13.84 24.60 -20.69
N VAL B 175 13.28 23.46 -20.34
CA VAL B 175 13.46 22.93 -18.98
C VAL B 175 14.94 22.49 -18.86
N GLU B 176 15.46 21.83 -19.90
CA GLU B 176 16.88 21.41 -19.89
C GLU B 176 17.82 22.63 -19.79
N GLU B 177 17.46 23.74 -20.44
CA GLU B 177 18.33 24.97 -20.37
C GLU B 177 18.35 25.50 -18.95
N LEU B 178 17.20 25.51 -18.28
CA LEU B 178 17.13 25.96 -16.91
C LEU B 178 17.87 24.99 -15.99
N GLN B 179 17.74 23.71 -16.26
CA GLN B 179 18.52 22.71 -15.48
C GLN B 179 20.01 22.92 -15.65
N ASN B 180 20.46 23.14 -16.89
CA ASN B 180 21.90 23.42 -17.10
C ASN B 180 22.32 24.62 -16.29
N ARG B 181 21.51 25.66 -16.28
CA ARG B 181 21.87 26.89 -15.54
C ARG B 181 21.97 26.63 -14.02
N ILE B 182 21.03 25.86 -13.46
CA ILE B 182 21.09 25.59 -12.02
C ILE B 182 22.30 24.69 -11.71
N ALA B 183 22.54 23.69 -12.51
CA ALA B 183 23.71 22.83 -12.29
C ALA B 183 25.05 23.64 -12.32
N SER B 184 25.20 24.53 -13.29
CA SER B 184 26.40 25.44 -13.33
C SER B 184 26.51 26.29 -12.09
N CYS B 185 25.37 26.80 -11.63
CA CYS B 185 25.35 27.62 -10.41
C CYS B 185 25.80 26.79 -9.17
N LEU B 186 25.34 25.55 -9.10
CA LEU B 186 25.73 24.68 -8.01
C LEU B 186 27.26 24.42 -8.07
N LYS B 187 27.76 24.07 -9.25
CA LYS B 187 29.20 23.77 -9.48
C LYS B 187 30.06 24.98 -9.06
N GLU B 188 29.67 26.17 -9.45
CA GLU B 188 30.35 27.38 -8.97
C GLU B 188 30.36 27.46 -7.46
N HIS B 189 29.22 27.23 -6.83
CA HIS B 189 29.17 27.25 -5.36
C HIS B 189 30.05 26.19 -4.64
N VAL B 190 30.00 24.93 -5.08
CA VAL B 190 30.80 23.90 -4.44
C VAL B 190 32.33 24.20 -4.68
N ALA B 191 32.69 24.80 -5.82
CA ALA B 191 34.08 25.22 -6.04
C ALA B 191 34.46 26.35 -5.06
N ALA B 192 33.63 27.37 -4.91
CA ALA B 192 33.89 28.50 -3.99
C ALA B 192 34.01 28.09 -2.51
N VAL B 193 33.24 27.10 -2.08
CA VAL B 193 33.40 26.51 -0.78
C VAL B 193 34.58 25.56 -0.74
N ALA B 194 34.91 24.93 -1.84
CA ALA B 194 36.07 24.03 -1.88
C ALA B 194 37.38 24.84 -1.73
N GLY B 195 37.36 26.09 -2.19
CA GLY B 195 38.55 26.94 -2.19
C GLY B 195 39.40 26.59 -3.40
N ALA B 200 31.27 17.43 -7.65
CA ALA B 200 31.87 17.09 -6.36
C ALA B 200 32.04 15.56 -6.12
N SER B 201 32.68 15.24 -4.98
CA SER B 201 32.59 13.94 -4.33
C SER B 201 31.48 13.90 -3.26
N CYS B 202 31.19 15.06 -2.66
CA CYS B 202 29.92 15.24 -1.92
C CYS B 202 28.83 14.70 -2.86
N LEU B 203 28.91 15.10 -4.14
CA LEU B 203 27.88 14.81 -5.12
C LEU B 203 27.66 13.32 -5.35
N SER B 204 28.73 12.59 -5.61
CA SER B 204 28.58 11.17 -5.75
C SER B 204 28.01 10.57 -4.46
N ARG B 205 28.45 11.08 -3.31
CA ARG B 205 27.96 10.58 -1.98
C ARG B 205 26.46 10.88 -1.83
N LEU B 206 26.09 12.07 -2.21
CA LEU B 206 24.73 12.52 -2.24
C LEU B 206 23.85 11.65 -3.14
N LEU B 207 24.26 11.45 -4.39
CA LEU B 207 23.52 10.63 -5.34
C LEU B 207 23.39 9.22 -4.85
N GLY B 208 24.38 8.75 -4.08
CA GLY B 208 24.24 7.48 -3.42
C GLY B 208 23.02 7.36 -2.46
N LYS B 209 22.43 8.46 -2.01
CA LYS B 209 21.19 8.46 -1.16
C LYS B 209 19.90 8.48 -1.97
N LEU B 210 20.04 8.71 -3.25
CA LEU B 210 18.88 8.66 -4.14
C LEU B 210 17.95 7.43 -4.05
N PRO B 211 18.52 6.19 -3.98
CA PRO B 211 17.64 5.01 -3.88
C PRO B 211 16.81 5.06 -2.64
N GLU B 212 17.35 5.56 -1.53
CA GLU B 212 16.53 5.71 -0.29
C GLU B 212 15.42 6.74 -0.57
N LEU B 213 15.73 7.85 -1.25
CA LEU B 213 14.65 8.81 -1.58
C LEU B 213 13.53 8.22 -2.42
N ARG B 214 13.91 7.44 -3.40
CA ARG B 214 12.97 6.83 -4.30
C ARG B 214 12.04 5.89 -3.61
N THR B 215 12.60 5.10 -2.71
CA THR B 215 11.84 4.17 -1.92
C THR B 215 10.90 4.93 -1.05
N LEU B 216 11.35 6.05 -0.50
CA LEU B 216 10.43 6.88 0.24
C LEU B 216 9.24 7.43 -0.57
N CYS B 217 9.47 7.76 -1.83
CA CYS B 217 8.37 8.22 -2.66
C CYS B 217 7.34 7.12 -2.93
N THR B 218 7.82 5.89 -3.20
CA THR B 218 6.96 4.76 -3.33
C THR B 218 6.21 4.51 -2.02
N GLN B 219 6.90 4.56 -0.90
CA GLN B 219 6.19 4.39 0.35
C GLN B 219 5.05 5.38 0.55
N GLY B 220 5.25 6.62 0.10
CA GLY B 220 4.23 7.64 0.21
C GLY B 220 3.05 7.24 -0.64
N LEU B 221 3.32 6.78 -1.85
CA LEU B 221 2.26 6.39 -2.75
C LEU B 221 1.49 5.20 -2.09
N GLN B 222 2.21 4.27 -1.47
CA GLN B 222 1.56 3.15 -0.86
C GLN B 222 0.68 3.58 0.29
N ARG B 223 1.11 4.58 1.05
CA ARG B 223 0.33 5.03 2.19
C ARG B 223 -0.93 5.75 1.68
N ILE B 224 -0.82 6.51 0.58
CA ILE B 224 -2.01 7.20 0.01
C ILE B 224 -3.00 6.15 -0.54
N PHE B 225 -2.48 5.11 -1.14
CA PHE B 225 -3.34 4.02 -1.62
C PHE B 225 -4.10 3.41 -0.50
N TYR B 226 -3.41 3.06 0.58
CA TYR B 226 -4.08 2.48 1.72
C TYR B 226 -5.14 3.40 2.31
N LEU B 227 -4.82 4.68 2.49
CA LEU B 227 -5.82 5.56 2.99
C LEU B 227 -6.98 5.76 2.03
N LYS B 228 -6.74 5.65 0.71
CA LYS B 228 -7.85 5.80 -0.25
C LYS B 228 -8.80 4.58 -0.15
N LEU B 229 -8.23 3.44 0.07
CA LEU B 229 -8.96 2.22 0.24
C LEU B 229 -9.78 2.33 1.46
N GLU B 230 -9.18 2.81 2.53
CA GLU B 230 -9.88 2.95 3.78
C GLU B 230 -10.97 4.06 3.68
N ASP B 231 -10.65 5.15 3.04
CA ASP B 231 -11.61 6.16 2.71
C ASP B 231 -12.29 6.78 3.95
N LEU B 232 -11.58 7.08 5.02
CA LEU B 232 -12.20 7.76 6.14
C LEU B 232 -12.66 9.15 5.77
N VAL B 233 -11.81 9.86 5.04
CA VAL B 233 -12.11 11.17 4.48
C VAL B 233 -11.48 11.18 3.07
N PRO B 234 -12.10 11.91 2.14
CA PRO B 234 -11.59 11.88 0.75
C PRO B 234 -10.30 12.73 0.62
N PRO B 235 -9.41 12.32 -0.26
CA PRO B 235 -8.20 13.11 -0.46
C PRO B 235 -8.53 14.47 -1.05
N PRO B 236 -7.68 15.48 -0.87
CA PRO B 236 -7.88 16.72 -1.60
C PRO B 236 -7.63 16.44 -3.08
N PRO B 237 -8.38 17.14 -3.93
CA PRO B 237 -8.33 16.86 -5.36
C PRO B 237 -7.00 16.85 -5.99
N ILE B 238 -6.17 17.84 -5.67
CA ILE B 238 -4.88 17.89 -6.34
C ILE B 238 -4.00 16.77 -5.88
N ILE B 239 -4.04 16.37 -4.62
CA ILE B 239 -3.19 15.21 -4.15
C ILE B 239 -3.67 13.96 -4.84
N ASP B 240 -4.97 13.84 -4.97
CA ASP B 240 -5.56 12.66 -5.59
C ASP B 240 -5.13 12.58 -7.05
N LYS B 241 -5.05 13.72 -7.73
CA LYS B 241 -4.59 13.72 -9.15
C LYS B 241 -3.14 13.37 -9.28
N ILE B 242 -2.32 13.92 -8.42
CA ILE B 242 -0.91 13.55 -8.43
C ILE B 242 -0.73 12.05 -8.20
N PHE B 243 -1.44 11.56 -7.19
CA PHE B 243 -1.44 10.09 -6.96
C PHE B 243 -1.81 9.37 -8.28
N MET B 244 -2.95 9.70 -8.86
CA MET B 244 -3.40 8.97 -10.08
C MET B 244 -2.42 9.19 -11.26
N ASP B 245 -1.85 10.40 -11.41
CA ASP B 245 -0.92 10.68 -12.56
C ASP B 245 0.43 9.98 -12.46
N THR B 246 0.87 9.63 -11.25
CA THR B 246 2.15 8.85 -11.08
C THR B 246 2.00 7.35 -11.38
N LEU B 247 0.75 6.88 -11.46
CA LEU B 247 0.55 5.45 -11.72
C LEU B 247 0.70 5.01 -13.20
N PRO B 248 1.69 4.12 -13.50
CA PRO B 248 1.87 3.55 -14.86
C PRO B 248 0.82 2.50 -15.29
N PHE B 249 -0.39 2.51 -14.71
CA PHE B 249 -1.55 1.86 -15.32
C PHE B 249 -2.56 2.94 -15.75
C1 GOL C . -10.25 -29.37 0.53
O1 GOL C . -9.50 -30.36 1.26
C2 GOL C . -9.51 -28.03 0.75
O2 GOL C . -8.16 -28.23 0.28
C3 GOL C . -10.20 -26.87 -0.02
O3 GOL C . -9.45 -25.61 0.01
C1 GOL D . 12.27 25.07 3.38
O1 GOL D . 12.05 23.63 3.32
C2 GOL D . 13.03 25.48 4.62
O2 GOL D . 12.19 25.29 5.78
C3 GOL D . 13.34 26.98 4.54
O3 GOL D . 14.14 27.19 5.70
C16 3NB E . 18.94 13.96 -3.78
C18 3NB E . 19.61 12.60 -1.83
C17 3NB E . 19.22 13.98 -2.30
C14 3NB E . 19.56 15.17 -5.78
C13 3NB E . 19.06 16.21 -6.74
C15 3NB E . 18.90 15.32 -4.42
C12 3NB E . 19.64 15.99 -8.13
C1 3NB E . 18.64 15.28 -8.97
C2 3NB E . 18.41 15.49 -10.38
C3 3NB E . 18.44 14.36 -11.14
C4 3NB E . 18.19 14.46 -12.48
C5 3NB E . 17.90 15.68 -12.98
C6 3NB E . 17.86 16.84 -12.22
C7 3NB E . 18.09 16.71 -10.88
O8 3NB E . 17.55 18.08 -12.70
O9 3NB E . 17.68 15.63 -14.30
O10 3NB E . 18.21 13.39 -13.33
O11 3NB E . 17.90 14.49 -8.48
C1 GOL F . 19.46 22.97 -25.97
O1 GOL F . 20.50 21.97 -26.04
C2 GOL F . 18.57 22.70 -24.75
O2 GOL F . 18.41 21.27 -24.37
C3 GOL F . 19.00 23.69 -23.67
O3 GOL F . 20.23 24.40 -23.95
C1 GOL G . 7.70 2.75 14.45
O1 GOL G . 8.71 2.28 13.63
C2 GOL G . 8.29 3.32 15.75
O2 GOL G . 8.44 2.20 16.62
C3 GOL G . 9.63 4.00 15.69
O3 GOL G . 9.89 4.67 14.48
C1 GOL H . 8.60 24.10 -20.66
O1 GOL H . 9.94 24.40 -20.32
C2 GOL H . 7.73 25.37 -20.96
O2 GOL H . 8.10 26.27 -22.01
C3 GOL H . 6.33 25.03 -21.41
O3 GOL H . 5.45 25.71 -20.53
#